data_6XQO
#
_entry.id   6XQO
#
_cell.length_a   1.00
_cell.length_b   1.00
_cell.length_c   1.00
_cell.angle_alpha   90.00
_cell.angle_beta   90.00
_cell.angle_gamma   90.00
#
_symmetry.space_group_name_H-M   'P 1'
#
loop_
_entity.id
_entity.type
_entity.pdbx_description
1 polymer 'Calcium uptake protein 1, mitochondrial'
2 polymer 'Calcium uptake protein 2, mitochondrial'
3 non-polymer 'CALCIUM ION'
#
loop_
_entity_poly.entity_id
_entity_poly.type
_entity_poly.pdbx_seq_one_letter_code
_entity_poly.pdbx_strand_id
1 'polypeptide(L)'
;GPTAAALEPHPEEKKKKRSGFRDRKVMEYENRIRAYSTPDKIFRYFATLKVISEPGEAEVFMTPEDFVRSITPNEKQPEH
LGLDQYIIKRFDGKKISQEREKFADEGSIFYTLGECGLISFSDYIFLTTVLSTPQRNFEIAFKMFDLNGDGEVDMEEFEQ
VQSIIRSQTSMGMRHRDRPTTGNTLKSGLCSALTTYFFGADLKGKLTIKNFLEFQRKLQHDVLKLEFERHDPVDGRITER
QFGGMLLAYSGVQSKKLTAMQRQLKKHFKEGKGLTFQEVENFFTFLKNINDVDTALSFYHMAGASLDKVTMQQVARTVAK
VELSDHVCDVVFALFDCDGNGELSNKEFVSIMKQRLMRGLEKPKDMGFTRLMQAMWKCAQETAWDFALPKQSNW
;
I
2 'polypeptide(L)'
;HHSRVSVAARDGSFTVSAQKNVEHGIIYIGKPSLRKQRFMQFSSLEHEGEYYMTPRDFLFSVMFEQMERKTSVKKLTKKD
IEDTLSGIQTAGCGSTFFRDLGDKGLISYTEYLFLLTILTKPHSGFHVAFKMLDTDGNEMIEKREFFKLQKIISKQDDLM
TVKTNETGYQEAIVKEPEINTTLQMRFFGKRGQRKLHYKEFRRFMENLQTEIQEMEFLQFSKGLSFMRKEDFAEWLLFFT
NTENKDIYWKNVREKLSAGESISLDEFKSFCHFTTHLEDFAIAMQMFSLAHRPVRLAEFKRAVKVATGQELSNNILDTVF
KIFDLDGDECLSHEEFLGVLKNRMHRGLWVPQHQSIQEYWKCVKKESIKGVKEVWKQAGKGLF
;
J
#
# COMPACT_ATOMS: atom_id res chain seq x y z
N LYS A 25 -19.32 25.08 22.68
CA LYS A 25 -19.63 25.24 21.26
C LYS A 25 -18.39 25.71 20.50
N VAL A 26 -17.63 26.64 21.08
CA VAL A 26 -16.44 27.10 20.36
C VAL A 26 -15.37 26.02 20.36
N MET A 27 -15.31 25.17 21.41
CA MET A 27 -14.40 24.03 21.36
C MET A 27 -14.80 23.04 20.27
N GLU A 28 -16.10 22.78 20.13
CA GLU A 28 -16.57 21.93 19.05
C GLU A 28 -16.27 22.56 17.70
N TYR A 29 -16.36 23.89 17.62
CA TYR A 29 -16.01 24.61 16.40
C TYR A 29 -14.56 24.41 16.02
N GLU A 30 -13.65 24.60 16.98
CA GLU A 30 -12.23 24.43 16.67
C GLU A 30 -11.89 22.97 16.39
N ASN A 31 -12.59 22.04 17.06
CA ASN A 31 -12.40 20.62 16.74
C ASN A 31 -12.80 20.32 15.30
N ARG A 32 -13.92 20.87 14.84
CA ARG A 32 -14.39 20.60 13.48
C ARG A 32 -13.52 21.30 12.43
N ILE A 33 -13.02 22.50 12.73
CA ILE A 33 -12.12 23.12 11.76
C ILE A 33 -10.78 22.40 11.74
N ARG A 34 -10.39 21.80 12.87
CA ARG A 34 -9.27 20.86 12.84
C ARG A 34 -9.61 19.64 11.99
N ALA A 35 -10.86 19.21 12.02
CA ALA A 35 -11.26 18.00 11.33
C ALA A 35 -11.22 18.17 9.81
N TYR A 36 -11.88 19.21 9.28
CA TYR A 36 -11.99 19.34 7.84
C TYR A 36 -11.55 20.67 7.25
N SER A 37 -11.45 21.73 8.03
CA SER A 37 -11.06 23.01 7.45
C SER A 37 -9.61 22.97 6.97
N THR A 38 -9.26 23.94 6.13
CA THR A 38 -7.94 23.96 5.54
C THR A 38 -6.88 24.32 6.59
N PRO A 39 -5.68 23.76 6.48
CA PRO A 39 -4.59 24.19 7.36
C PRO A 39 -4.27 25.67 7.24
N ASP A 40 -4.67 26.33 6.15
CA ASP A 40 -4.54 27.77 6.07
C ASP A 40 -5.35 28.45 7.16
N LYS A 41 -6.58 27.99 7.38
CA LYS A 41 -7.38 28.53 8.46
C LYS A 41 -6.85 28.13 9.83
N ILE A 42 -6.30 26.92 9.94
CA ILE A 42 -5.91 26.39 11.24
C ILE A 42 -4.68 27.11 11.77
N PHE A 43 -3.66 27.26 10.92
CA PHE A 43 -2.45 27.96 11.32
C PHE A 43 -2.75 29.42 11.65
N ARG A 44 -3.50 30.09 10.77
CA ARG A 44 -3.90 31.47 11.04
C ARG A 44 -4.84 31.59 12.24
N TYR A 45 -5.42 30.48 12.69
CA TYR A 45 -6.30 30.49 13.84
C TYR A 45 -5.54 30.27 15.14
N PHE A 46 -4.49 29.45 15.12
CA PHE A 46 -3.73 29.15 16.32
C PHE A 46 -2.41 29.91 16.42
N ALA A 47 -1.98 30.59 15.37
CA ALA A 47 -0.77 31.40 15.46
C ALA A 47 -1.04 32.63 16.33
N THR A 48 0.03 33.18 16.91
CA THR A 48 -0.13 34.32 17.81
C THR A 48 0.76 35.51 17.44
N LEU A 49 1.89 35.27 16.80
CA LEU A 49 2.83 36.34 16.48
C LEU A 49 2.90 36.56 14.97
N LYS A 50 2.77 37.82 14.56
CA LYS A 50 2.85 38.19 13.16
C LYS A 50 4.17 38.91 12.88
N VAL A 51 4.62 38.83 11.64
CA VAL A 51 5.90 39.40 11.22
C VAL A 51 5.70 40.11 9.89
N ILE A 52 6.07 41.39 9.83
CA ILE A 52 5.98 42.21 8.62
C ILE A 52 4.57 42.17 8.02
N GLU A 59 2.65 38.35 7.42
CA GLU A 59 3.02 36.98 7.71
C GLU A 59 2.91 36.73 9.21
N VAL A 60 2.46 35.53 9.58
CA VAL A 60 2.17 35.19 10.97
C VAL A 60 2.99 33.96 11.36
N PHE A 61 3.37 33.90 12.63
CA PHE A 61 4.18 32.82 13.16
C PHE A 61 3.48 32.23 14.39
N MET A 62 3.76 30.95 14.67
CA MET A 62 3.20 30.28 15.83
C MET A 62 4.32 29.78 16.75
N THR A 63 4.21 30.11 18.02
CA THR A 63 5.08 29.54 19.02
C THR A 63 4.82 28.02 19.10
N PRO A 64 5.86 27.20 19.25
CA PRO A 64 5.65 25.74 19.28
C PRO A 64 4.50 25.28 20.18
N GLU A 65 4.24 25.99 21.28
CA GLU A 65 3.10 25.66 22.12
C GLU A 65 1.79 25.70 21.33
N ASP A 66 1.69 26.61 20.36
CA ASP A 66 0.52 26.60 19.50
C ASP A 66 0.48 25.35 18.64
N PHE A 67 1.64 24.75 18.33
CA PHE A 67 1.64 23.52 17.56
C PHE A 67 1.24 22.33 18.40
N VAL A 68 1.68 22.27 19.66
CA VAL A 68 1.20 21.20 20.52
C VAL A 68 -0.28 21.40 20.83
N ARG A 69 -0.76 22.65 20.78
CA ARG A 69 -2.19 22.90 20.95
C ARG A 69 -2.96 22.57 19.68
N SER A 70 -2.39 22.85 18.52
CA SER A 70 -3.06 22.60 17.24
C SER A 70 -3.36 21.12 17.00
N ILE A 71 -2.86 20.22 17.83
CA ILE A 71 -3.10 18.80 17.66
C ILE A 71 -3.77 18.24 18.90
N THR A 72 -3.50 18.85 20.06
CA THR A 72 -4.05 18.37 21.32
C THR A 72 -5.19 19.26 21.79
N ALA A 104 8.75 22.55 27.68
CA ALA A 104 9.34 21.23 27.44
C ALA A 104 10.77 21.19 27.95
N ASP A 105 11.03 20.33 28.93
CA ASP A 105 12.38 20.16 29.43
C ASP A 105 13.26 19.48 28.40
N GLU A 106 14.55 19.40 28.71
CA GLU A 106 15.53 18.81 27.80
C GLU A 106 15.12 17.41 27.40
N GLY A 107 15.60 17.00 26.22
CA GLY A 107 15.25 15.73 25.62
C GLY A 107 13.98 15.74 24.79
N SER A 108 13.05 16.64 25.11
CA SER A 108 11.86 16.78 24.30
C SER A 108 12.18 17.36 22.93
N ILE A 109 11.32 17.07 21.96
CA ILE A 109 11.54 17.60 20.62
C ILE A 109 11.24 19.08 20.57
N PHE A 110 10.12 19.49 21.17
CA PHE A 110 9.66 20.87 21.03
C PHE A 110 10.48 21.86 21.84
N TYR A 111 11.49 21.39 22.58
CA TYR A 111 12.45 22.32 23.15
C TYR A 111 13.64 22.52 22.22
N THR A 112 14.15 21.43 21.64
CA THR A 112 15.16 21.55 20.59
C THR A 112 14.64 22.35 19.41
N LEU A 113 13.32 22.39 19.23
CA LEU A 113 12.67 23.30 18.32
C LEU A 113 12.05 24.49 19.04
N GLY A 114 12.16 24.54 20.37
CA GLY A 114 11.69 25.68 21.13
C GLY A 114 12.64 26.85 21.10
N GLU A 115 13.90 26.62 20.76
CA GLU A 115 14.81 27.73 20.53
C GLU A 115 14.35 28.55 19.33
N CYS A 116 14.85 29.78 19.26
CA CYS A 116 14.45 30.71 18.22
C CYS A 116 14.52 30.06 16.84
N GLY A 117 13.59 30.43 15.98
CA GLY A 117 12.55 31.39 16.30
C GLY A 117 11.22 30.73 16.56
N LEU A 118 10.31 30.85 15.60
CA LEU A 118 8.99 30.25 15.70
C LEU A 118 8.70 29.46 14.44
N ILE A 119 7.47 28.96 14.29
CA ILE A 119 7.14 28.05 13.21
C ILE A 119 6.35 28.81 12.15
N SER A 120 6.85 28.77 10.91
CA SER A 120 6.20 29.40 9.77
C SER A 120 5.02 28.55 9.31
N PHE A 121 4.41 28.93 8.19
CA PHE A 121 3.42 28.06 7.58
C PHE A 121 4.07 26.90 6.83
N SER A 122 5.26 27.11 6.28
CA SER A 122 5.97 26.01 5.63
C SER A 122 6.36 24.95 6.64
N ASP A 123 6.73 25.37 7.86
CA ASP A 123 7.12 24.41 8.89
C ASP A 123 5.91 23.67 9.43
N TYR A 124 4.76 24.34 9.52
CA TYR A 124 3.54 23.67 9.98
C TYR A 124 3.13 22.55 9.03
N ILE A 125 3.04 22.86 7.74
CA ILE A 125 2.62 21.86 6.76
C ILE A 125 3.62 20.71 6.72
N PHE A 126 4.91 21.03 6.82
CA PHE A 126 5.92 19.98 6.81
C PHE A 126 5.78 19.07 8.02
N LEU A 127 5.54 19.65 9.20
CA LEU A 127 5.36 18.82 10.39
C LEU A 127 4.14 17.92 10.25
N THR A 128 3.04 18.46 9.73
CA THR A 128 1.83 17.64 9.61
C THR A 128 1.97 16.55 8.55
N THR A 129 2.77 16.77 7.51
CA THR A 129 2.98 15.68 6.56
C THR A 129 4.09 14.74 7.00
N VAL A 130 4.88 15.12 7.99
CA VAL A 130 5.83 14.18 8.58
C VAL A 130 5.13 13.27 9.58
N LEU A 131 4.15 13.79 10.33
CA LEU A 131 3.45 12.96 11.29
C LEU A 131 2.55 11.93 10.60
N SER A 132 1.95 12.30 9.48
CA SER A 132 0.92 11.48 8.84
C SER A 132 1.46 10.70 7.65
N THR A 133 2.68 10.20 7.73
CA THR A 133 3.27 9.46 6.62
C THR A 133 4.02 8.24 7.15
N PRO A 134 3.86 7.08 6.51
CA PRO A 134 4.63 5.90 6.92
C PRO A 134 6.12 6.06 6.66
N GLN A 135 6.90 5.02 6.94
CA GLN A 135 8.34 5.12 6.81
C GLN A 135 8.81 4.95 5.36
N ARG A 136 8.41 3.86 4.72
CA ARG A 136 8.89 3.56 3.38
C ARG A 136 8.29 4.50 2.33
N ASN A 137 7.29 5.30 2.69
CA ASN A 137 6.88 6.41 1.85
C ASN A 137 7.67 7.67 2.16
N PHE A 138 8.10 7.83 3.41
CA PHE A 138 8.96 8.95 3.75
C PHE A 138 10.31 8.85 3.08
N GLU A 139 10.80 7.62 2.86
CA GLU A 139 12.05 7.47 2.11
C GLU A 139 11.89 7.97 0.68
N ILE A 140 10.79 7.62 0.03
CA ILE A 140 10.54 8.12 -1.32
C ILE A 140 10.34 9.64 -1.31
N ALA A 141 9.74 10.18 -0.26
CA ALA A 141 9.60 11.62 -0.15
C ALA A 141 10.96 12.29 -0.06
N PHE A 142 11.88 11.74 0.73
CA PHE A 142 13.22 12.29 0.79
C PHE A 142 13.92 12.20 -0.55
N LYS A 143 13.75 11.08 -1.26
CA LYS A 143 14.32 10.96 -2.59
C LYS A 143 13.73 12.01 -3.54
N MET A 144 12.45 12.33 -3.38
CA MET A 144 11.84 13.38 -4.17
C MET A 144 12.46 14.73 -3.87
N PHE A 145 12.71 15.02 -2.59
CA PHE A 145 13.36 16.27 -2.22
C PHE A 145 14.68 16.44 -2.95
N ASP A 146 15.44 15.35 -3.10
CA ASP A 146 16.78 15.41 -3.69
C ASP A 146 16.69 15.58 -5.20
N LEU A 147 16.72 16.82 -5.67
CA LEU A 147 16.65 17.09 -7.10
C LEU A 147 17.90 16.61 -7.82
N ASN A 148 19.07 16.94 -7.28
CA ASN A 148 20.32 16.64 -7.97
C ASN A 148 20.66 15.15 -7.97
N GLY A 149 20.07 14.36 -7.09
CA GLY A 149 20.34 12.94 -7.08
C GLY A 149 21.70 12.56 -6.54
N ASP A 150 22.30 13.41 -5.70
CA ASP A 150 23.59 13.08 -5.10
C ASP A 150 23.44 12.11 -3.94
N GLY A 151 22.28 12.11 -3.27
CA GLY A 151 22.06 11.31 -2.09
C GLY A 151 22.01 12.10 -0.80
N GLU A 152 22.35 13.39 -0.84
CA GLU A 152 22.29 14.24 0.34
C GLU A 152 21.59 15.55 -0.02
N VAL A 153 20.51 15.85 0.68
CA VAL A 153 19.69 17.02 0.37
C VAL A 153 20.34 18.26 0.96
N ASP A 154 20.28 19.37 0.22
CA ASP A 154 20.83 20.64 0.64
C ASP A 154 19.69 21.57 1.06
N MET A 155 20.05 22.82 1.37
CA MET A 155 19.06 23.81 1.75
C MET A 155 18.30 24.38 0.54
N GLU A 156 18.88 24.28 -0.66
CA GLU A 156 18.30 24.92 -1.83
C GLU A 156 17.06 24.17 -2.31
N GLU A 157 17.17 22.84 -2.46
CA GLU A 157 16.02 22.04 -2.85
C GLU A 157 14.91 22.15 -1.82
N PHE A 158 15.28 22.14 -0.53
CA PHE A 158 14.29 22.32 0.53
C PHE A 158 13.61 23.67 0.43
N GLU A 159 14.38 24.72 0.08
CA GLU A 159 13.79 26.04 -0.08
C GLU A 159 12.81 26.06 -1.25
N GLN A 160 13.14 25.35 -2.33
CA GLN A 160 12.23 25.28 -3.47
C GLN A 160 10.91 24.62 -3.09
N VAL A 161 10.99 23.44 -2.47
CA VAL A 161 9.73 22.77 -2.11
C VAL A 161 8.99 23.54 -1.02
N GLN A 162 9.72 24.29 -0.19
CA GLN A 162 9.06 25.17 0.79
C GLN A 162 8.28 26.27 0.10
N SER A 163 8.86 26.87 -0.93
CA SER A 163 8.14 27.86 -1.73
C SER A 163 6.89 27.24 -2.33
N ILE A 164 7.01 26.03 -2.88
CA ILE A 164 5.83 25.36 -3.43
C ILE A 164 4.79 25.15 -2.34
N ILE A 165 5.22 24.82 -1.12
CA ILE A 165 4.30 24.62 -0.01
C ILE A 165 3.54 25.90 0.28
N ARG A 166 4.27 27.02 0.40
CA ARG A 166 3.63 28.28 0.77
C ARG A 166 2.56 28.69 -0.23
N SER A 167 2.82 28.50 -1.51
CA SER A 167 1.84 28.82 -2.55
C SER A 167 0.67 27.83 -2.52
N CYS A 190 12.13 32.58 8.37
CA CYS A 190 11.95 31.52 9.35
C CYS A 190 13.28 31.09 9.94
N SER A 191 13.24 30.64 11.19
CA SER A 191 14.43 30.08 11.84
C SER A 191 14.23 28.62 12.24
N ALA A 192 13.15 28.32 12.97
CA ALA A 192 13.03 27.07 13.71
C ALA A 192 13.42 25.85 12.87
N LEU A 193 12.66 25.57 11.81
CA LEU A 193 12.83 24.33 11.08
C LEU A 193 14.14 24.32 10.30
N THR A 194 14.44 25.40 9.60
CA THR A 194 15.61 25.41 8.73
C THR A 194 16.90 25.53 9.53
N THR A 195 16.90 26.26 10.64
CA THR A 195 18.10 26.32 11.47
C THR A 195 18.28 25.05 12.29
N TYR A 196 17.19 24.33 12.61
CA TYR A 196 17.35 23.03 13.25
C TYR A 196 17.90 22.01 12.26
N PHE A 197 17.40 22.01 11.04
CA PHE A 197 17.81 21.00 10.07
C PHE A 197 19.19 21.30 9.50
N PHE A 198 19.33 22.43 8.80
CA PHE A 198 20.56 22.73 8.08
C PHE A 198 21.57 23.51 8.89
N GLY A 199 21.41 23.57 10.20
CA GLY A 199 22.35 24.27 11.05
C GLY A 199 22.07 25.77 11.11
N ALA A 200 22.88 26.45 11.90
CA ALA A 200 22.68 27.88 12.13
C ALA A 200 22.82 28.67 10.85
N ASP A 201 23.94 28.50 10.14
CA ASP A 201 24.19 29.27 8.94
C ASP A 201 23.54 28.68 7.70
N LEU A 202 22.73 27.63 7.85
CA LEU A 202 21.99 26.95 6.79
C LEU A 202 22.90 26.24 5.79
N LYS A 203 24.22 26.25 5.99
CA LYS A 203 25.16 25.69 5.04
C LYS A 203 25.27 24.17 5.11
N GLY A 204 24.46 23.51 5.93
CA GLY A 204 24.55 22.07 6.05
C GLY A 204 23.78 21.33 4.99
N LYS A 205 24.03 20.02 4.91
CA LYS A 205 23.37 19.15 3.96
C LYS A 205 22.79 17.95 4.68
N LEU A 206 21.55 17.61 4.34
CA LEU A 206 20.82 16.54 5.01
C LEU A 206 21.12 15.19 4.39
N THR A 207 20.85 14.13 5.14
CA THR A 207 20.91 12.77 4.65
C THR A 207 19.64 12.03 5.05
N ILE A 208 19.59 10.74 4.73
CA ILE A 208 18.36 9.98 4.96
C ILE A 208 18.21 9.61 6.43
N LYS A 209 19.31 9.35 7.13
CA LYS A 209 19.24 8.91 8.52
C LYS A 209 18.67 10.00 9.41
N ASN A 210 19.16 11.24 9.25
CA ASN A 210 18.66 12.34 10.06
C ASN A 210 17.18 12.59 9.79
N PHE A 211 16.75 12.43 8.54
CA PHE A 211 15.35 12.61 8.19
C PHE A 211 14.47 11.57 8.89
N LEU A 212 14.85 10.30 8.77
CA LEU A 212 14.08 9.25 9.42
C LEU A 212 14.06 9.42 10.93
N GLU A 213 15.20 9.78 11.53
CA GLU A 213 15.26 9.95 12.97
C GLU A 213 14.40 11.12 13.42
N PHE A 214 14.36 12.20 12.63
CA PHE A 214 13.50 13.32 12.97
C PHE A 214 12.03 12.89 12.96
N GLN A 215 11.62 12.17 11.92
CA GLN A 215 10.24 11.70 11.88
C GLN A 215 9.93 10.82 13.08
N ARG A 216 10.86 9.93 13.43
CA ARG A 216 10.68 9.02 14.55
C ARG A 216 10.50 9.79 15.85
N LYS A 217 11.40 10.74 16.13
CA LYS A 217 11.32 11.49 17.37
C LYS A 217 10.04 12.31 17.43
N LEU A 218 9.64 12.90 16.29
CA LEU A 218 8.39 13.64 16.26
C LEU A 218 7.22 12.78 16.69
N GLN A 219 7.04 11.64 16.00
CA GLN A 219 5.89 10.79 16.31
C GLN A 219 5.96 10.29 17.75
N HIS A 220 7.16 9.93 18.21
CA HIS A 220 7.30 9.40 19.56
C HIS A 220 6.91 10.43 20.62
N ASP A 221 7.43 11.65 20.51
CA ASP A 221 7.16 12.64 21.54
C ASP A 221 5.80 13.32 21.34
N VAL A 222 5.14 13.11 20.21
CA VAL A 222 3.72 13.43 20.13
C VAL A 222 2.91 12.40 20.90
N LEU A 223 3.24 11.12 20.71
CA LEU A 223 2.51 10.06 21.39
C LEU A 223 2.70 10.12 22.90
N LYS A 224 3.90 10.49 23.35
CA LYS A 224 4.15 10.52 24.79
C LYS A 224 3.28 11.57 25.47
N LEU A 225 3.10 12.72 24.84
CA LEU A 225 2.22 13.74 25.40
C LEU A 225 0.76 13.30 25.31
N GLU A 226 0.37 12.71 24.18
CA GLU A 226 -0.98 12.16 24.07
C GLU A 226 -1.27 11.17 25.20
N PHE A 227 -0.26 10.39 25.58
CA PHE A 227 -0.44 9.38 26.61
C PHE A 227 -0.52 10.02 28.00
N GLU A 228 0.51 10.75 28.40
CA GLU A 228 0.52 11.36 29.72
C GLU A 228 -0.58 12.40 29.88
N ARG A 229 -1.27 12.76 28.80
CA ARG A 229 -2.41 13.66 28.88
C ARG A 229 -3.59 13.07 29.65
N HIS A 230 -3.68 11.75 29.72
CA HIS A 230 -4.85 11.07 30.27
C HIS A 230 -4.76 10.86 31.79
N ASP A 231 -3.85 11.54 32.46
CA ASP A 231 -3.63 11.38 33.90
C ASP A 231 -3.27 9.93 34.24
N PRO A 232 -2.09 9.46 33.86
CA PRO A 232 -1.72 8.08 34.17
C PRO A 232 -1.45 7.90 35.66
N VAL A 233 -1.53 6.65 36.09
CA VAL A 233 -1.24 6.27 37.48
C VAL A 233 -0.27 5.10 37.44
N ASP A 234 0.90 5.28 38.06
CA ASP A 234 1.97 4.29 38.02
C ASP A 234 2.44 4.02 36.59
N GLY A 235 2.31 5.01 35.72
CA GLY A 235 2.68 4.83 34.33
C GLY A 235 1.79 3.87 33.56
N ARG A 236 0.57 3.65 34.03
CA ARG A 236 -0.37 2.75 33.38
C ARG A 236 -1.72 3.43 33.27
N ILE A 237 -2.35 3.30 32.11
CA ILE A 237 -3.69 3.82 31.86
C ILE A 237 -4.64 2.65 31.77
N THR A 238 -5.89 2.89 32.18
CA THR A 238 -6.91 1.86 32.10
C THR A 238 -7.35 1.65 30.65
N GLU A 239 -8.07 0.57 30.42
CA GLU A 239 -8.42 0.18 29.06
C GLU A 239 -9.54 1.02 28.47
N ARG A 240 -10.37 1.65 29.31
CA ARG A 240 -11.35 2.58 28.77
C ARG A 240 -10.67 3.74 28.06
N GLN A 241 -9.61 4.30 28.66
CA GLN A 241 -8.92 5.42 28.06
C GLN A 241 -8.13 5.00 26.83
N PHE A 242 -7.61 3.78 26.82
CA PHE A 242 -6.94 3.27 25.63
C PHE A 242 -7.92 3.09 24.49
N GLY A 243 -9.11 2.57 24.78
CA GLY A 243 -10.14 2.52 23.77
C GLY A 243 -10.53 3.90 23.26
N GLY A 244 -10.58 4.87 24.18
CA GLY A 244 -10.84 6.24 23.77
C GLY A 244 -9.80 6.75 22.79
N MET A 245 -8.52 6.51 23.10
CA MET A 245 -7.45 6.85 22.19
C MET A 245 -7.64 6.21 20.83
N LEU A 246 -7.97 4.91 20.83
CA LEU A 246 -8.09 4.19 19.57
C LEU A 246 -9.21 4.75 18.70
N LEU A 247 -10.38 4.98 19.30
CA LEU A 247 -11.49 5.49 18.51
C LEU A 247 -11.28 6.95 18.12
N ALA A 248 -10.58 7.73 18.94
CA ALA A 248 -10.24 9.09 18.54
C ALA A 248 -9.33 9.09 17.33
N TYR A 249 -8.33 8.21 17.32
CA TYR A 249 -7.46 8.11 16.14
C TYR A 249 -8.24 7.62 14.94
N SER A 250 -9.16 6.66 15.13
CA SER A 250 -9.85 6.04 14.01
C SER A 250 -10.62 7.06 13.19
N GLY A 251 -11.07 8.15 13.81
CA GLY A 251 -11.82 9.16 13.09
C GLY A 251 -13.23 8.78 12.75
N VAL A 252 -13.75 7.70 13.31
CA VAL A 252 -15.15 7.31 13.15
C VAL A 252 -15.75 7.13 14.54
N GLN A 253 -16.92 7.73 14.76
CA GLN A 253 -17.60 7.68 16.04
C GLN A 253 -19.06 7.29 15.80
N SER A 254 -19.44 6.08 16.21
CA SER A 254 -20.80 5.60 16.09
C SER A 254 -21.28 5.14 17.45
N LYS A 255 -22.59 5.19 17.64
CA LYS A 255 -23.16 4.84 18.94
C LYS A 255 -22.81 3.41 19.36
N LYS A 256 -22.77 2.49 18.39
CA LYS A 256 -22.38 1.11 18.71
C LYS A 256 -20.95 1.07 19.21
N LEU A 257 -20.03 1.76 18.52
CA LEU A 257 -18.63 1.75 18.91
C LEU A 257 -18.42 2.45 20.24
N THR A 258 -19.13 3.55 20.47
CA THR A 258 -19.02 4.25 21.75
C THR A 258 -19.56 3.38 22.88
N ALA A 259 -20.65 2.66 22.62
CA ALA A 259 -21.20 1.76 23.61
C ALA A 259 -20.20 0.65 23.95
N MET A 260 -19.52 0.10 22.93
CA MET A 260 -18.52 -0.92 23.20
C MET A 260 -17.32 -0.34 23.94
N GLN A 261 -16.98 0.91 23.65
CA GLN A 261 -15.92 1.58 24.40
C GLN A 261 -16.29 1.72 25.86
N ARG A 262 -17.54 2.06 26.15
CA ARG A 262 -18.00 2.11 27.52
C ARG A 262 -17.99 0.72 28.15
N GLN A 263 -18.37 -0.31 27.37
CA GLN A 263 -18.38 -1.67 27.88
C GLN A 263 -16.98 -2.20 28.16
N LEU A 264 -15.96 -1.58 27.57
CA LEU A 264 -14.58 -1.98 27.85
C LEU A 264 -14.27 -1.95 29.35
N LYS A 265 -14.99 -1.13 30.12
CA LYS A 265 -14.81 -1.17 31.57
C LYS A 265 -15.43 -2.45 32.15
N LYS A 266 -16.62 -2.83 31.68
CA LYS A 266 -17.27 -4.02 32.18
C LYS A 266 -16.48 -5.28 31.82
N HIS A 267 -15.83 -5.29 30.67
CA HIS A 267 -15.11 -6.49 30.24
C HIS A 267 -13.91 -6.76 31.15
N PHE A 268 -13.24 -5.72 31.61
CA PHE A 268 -12.08 -5.84 32.49
C PHE A 268 -12.44 -5.24 33.84
N LYS A 269 -13.03 -6.08 34.70
CA LYS A 269 -13.48 -5.62 36.00
C LYS A 269 -12.31 -5.21 36.90
N GLU A 270 -11.15 -5.87 36.78
CA GLU A 270 -10.02 -5.50 37.61
C GLU A 270 -9.15 -4.49 36.86
N GLY A 271 -8.63 -4.90 35.71
CA GLY A 271 -7.81 -4.10 34.85
C GLY A 271 -6.37 -4.15 35.31
N LYS A 272 -5.46 -4.43 34.37
CA LYS A 272 -4.03 -4.45 34.64
C LYS A 272 -3.34 -3.28 33.95
N GLY A 273 -4.10 -2.28 33.55
CA GLY A 273 -3.54 -1.09 32.95
C GLY A 273 -2.90 -1.31 31.61
N LEU A 274 -2.50 -0.22 30.96
CA LEU A 274 -1.75 -0.27 29.72
C LEU A 274 -0.55 0.66 29.88
N THR A 275 0.65 0.09 29.83
CA THR A 275 1.86 0.90 29.91
C THR A 275 2.00 1.74 28.65
N PHE A 276 3.04 2.58 28.62
CA PHE A 276 3.27 3.38 27.43
C PHE A 276 3.87 2.57 26.30
N GLN A 277 4.71 1.59 26.62
CA GLN A 277 5.38 0.83 25.57
C GLN A 277 4.38 0.11 24.69
N GLU A 278 3.36 -0.52 25.29
CA GLU A 278 2.38 -1.25 24.51
C GLU A 278 1.58 -0.31 23.62
N VAL A 279 1.23 0.87 24.14
CA VAL A 279 0.46 1.83 23.35
C VAL A 279 1.26 2.32 22.15
N GLU A 280 2.52 2.70 22.40
CA GLU A 280 3.37 3.15 21.32
C GLU A 280 3.57 2.05 20.29
N ASN A 281 3.71 0.81 20.75
CA ASN A 281 3.87 -0.31 19.83
C ASN A 281 2.63 -0.51 18.96
N PHE A 282 1.45 -0.38 19.57
CA PHE A 282 0.24 -0.55 18.77
C PHE A 282 0.10 0.57 17.74
N PHE A 283 0.45 1.80 18.11
CA PHE A 283 0.30 2.87 17.13
C PHE A 283 1.36 2.76 16.04
N THR A 284 2.55 2.25 16.36
CA THR A 284 3.50 1.91 15.31
C THR A 284 2.93 0.87 14.35
N PHE A 285 2.23 -0.13 14.90
CA PHE A 285 1.53 -1.08 14.05
C PHE A 285 0.52 -0.39 13.16
N LEU A 286 -0.20 0.59 13.71
CA LEU A 286 -1.25 1.26 12.96
C LEU A 286 -0.68 2.13 11.85
N LYS A 287 0.53 2.66 12.02
CA LYS A 287 1.11 3.51 10.98
C LYS A 287 1.43 2.73 9.71
N ASN A 288 1.77 1.44 9.83
CA ASN A 288 2.13 0.60 8.71
C ASN A 288 0.95 -0.21 8.18
N ILE A 289 -0.26 0.32 8.27
CA ILE A 289 -1.44 -0.49 7.99
C ILE A 289 -1.64 -0.72 6.50
N ASN A 290 -1.21 0.22 5.66
CA ASN A 290 -1.40 0.04 4.21
C ASN A 290 -0.49 -1.05 3.65
N ASP A 291 0.58 -1.40 4.35
CA ASP A 291 1.42 -2.52 3.96
C ASP A 291 0.92 -3.82 4.60
N VAL A 292 0.45 -3.73 5.85
CA VAL A 292 -0.21 -4.87 6.49
C VAL A 292 -1.33 -5.38 5.60
N ASP A 293 -2.08 -4.48 4.99
CA ASP A 293 -3.18 -4.89 4.11
C ASP A 293 -2.64 -5.67 2.91
N THR A 294 -1.52 -5.22 2.35
CA THR A 294 -0.95 -5.93 1.20
C THR A 294 -0.43 -7.31 1.59
N ALA A 295 0.17 -7.42 2.78
CA ALA A 295 0.62 -8.73 3.24
C ALA A 295 -0.54 -9.65 3.61
N LEU A 296 -1.74 -9.11 3.75
CA LEU A 296 -2.91 -9.86 4.20
C LEU A 296 -3.92 -10.03 3.06
N SER A 297 -3.42 -10.27 1.85
CA SER A 297 -4.31 -10.30 0.70
C SER A 297 -4.99 -11.64 0.51
N PHE A 298 -4.31 -12.74 0.86
CA PHE A 298 -4.95 -14.06 0.75
C PHE A 298 -6.14 -14.15 1.69
N TYR A 299 -6.01 -13.61 2.90
CA TYR A 299 -7.14 -13.61 3.82
C TYR A 299 -8.27 -12.73 3.31
N HIS A 300 -7.95 -11.68 2.56
CA HIS A 300 -8.99 -10.80 2.03
C HIS A 300 -9.74 -11.47 0.90
N MET A 301 -9.02 -12.11 -0.02
CA MET A 301 -9.68 -12.75 -1.16
C MET A 301 -10.42 -14.02 -0.73
N ALA A 302 -9.79 -14.86 0.09
CA ALA A 302 -10.44 -16.07 0.55
C ALA A 302 -11.62 -15.79 1.46
N GLY A 303 -11.83 -14.55 1.87
CA GLY A 303 -12.92 -14.20 2.75
C GLY A 303 -12.68 -14.47 4.22
N ALA A 304 -11.51 -15.01 4.57
CA ALA A 304 -11.22 -15.37 5.95
C ALA A 304 -11.17 -14.13 6.84
N SER A 305 -11.23 -14.36 8.14
CA SER A 305 -11.19 -13.30 9.13
C SER A 305 -9.88 -13.35 9.91
N LEU A 306 -9.72 -12.39 10.81
CA LEU A 306 -8.47 -12.18 11.55
C LEU A 306 -8.69 -12.55 13.01
N ASP A 307 -7.98 -13.58 13.47
CA ASP A 307 -7.96 -13.89 14.89
C ASP A 307 -6.73 -13.23 15.52
N LYS A 308 -6.54 -13.46 16.82
CA LYS A 308 -5.46 -12.79 17.53
C LYS A 308 -4.09 -13.26 17.02
N VAL A 309 -3.93 -14.55 16.76
CA VAL A 309 -2.62 -15.09 16.43
C VAL A 309 -2.15 -14.57 15.08
N THR A 310 -3.03 -14.56 14.07
CA THR A 310 -2.62 -14.04 12.77
C THR A 310 -2.39 -12.54 12.81
N MET A 311 -3.15 -11.81 13.65
CA MET A 311 -2.88 -10.38 13.80
C MET A 311 -1.49 -10.16 14.38
N GLN A 312 -1.13 -10.93 15.42
CA GLN A 312 0.20 -10.78 16.00
C GLN A 312 1.28 -11.18 15.00
N GLN A 313 1.03 -12.21 14.19
CA GLN A 313 2.03 -12.64 13.22
C GLN A 313 2.24 -11.59 12.14
N VAL A 314 1.16 -11.03 11.59
CA VAL A 314 1.31 -10.02 10.56
C VAL A 314 1.93 -8.76 11.14
N ALA A 315 1.64 -8.45 12.41
CA ALA A 315 2.29 -7.30 13.04
C ALA A 315 3.79 -7.52 13.14
N ARG A 316 4.19 -8.67 13.68
CA ARG A 316 5.62 -8.96 13.84
C ARG A 316 6.34 -9.05 12.51
N THR A 317 5.65 -9.45 11.45
CA THR A 317 6.31 -9.59 10.16
C THR A 317 6.36 -8.28 9.38
N VAL A 318 5.30 -7.49 9.40
CA VAL A 318 5.24 -6.27 8.60
C VAL A 318 5.78 -5.07 9.35
N ALA A 319 5.32 -4.84 10.57
CA ALA A 319 5.66 -3.61 11.29
C ALA A 319 6.79 -3.79 12.28
N LYS A 320 7.36 -4.99 12.39
CA LYS A 320 8.45 -5.28 13.32
C LYS A 320 8.08 -4.90 14.75
N VAL A 321 6.81 -5.07 15.11
CA VAL A 321 6.32 -4.79 16.45
C VAL A 321 6.03 -6.10 17.16
N GLU A 322 6.09 -6.07 18.48
CA GLU A 322 5.70 -7.21 19.31
C GLU A 322 4.41 -6.86 20.04
N LEU A 323 3.28 -7.08 19.37
CA LEU A 323 1.99 -6.82 19.97
C LEU A 323 1.76 -7.74 21.16
N SER A 324 1.60 -7.14 22.34
CA SER A 324 1.33 -7.93 23.52
C SER A 324 -0.04 -8.60 23.40
N ASP A 325 -0.29 -9.60 24.25
CA ASP A 325 -1.59 -10.25 24.22
C ASP A 325 -2.69 -9.32 24.68
N HIS A 326 -2.37 -8.36 25.56
CA HIS A 326 -3.40 -7.49 26.11
C HIS A 326 -3.86 -6.43 25.12
N VAL A 327 -2.97 -5.92 24.28
CA VAL A 327 -3.40 -4.89 23.33
C VAL A 327 -4.33 -5.49 22.29
N CYS A 328 -3.98 -6.65 21.73
CA CYS A 328 -4.92 -7.30 20.81
C CYS A 328 -6.17 -7.77 21.54
N ASP A 329 -6.04 -8.12 22.82
CA ASP A 329 -7.22 -8.40 23.64
C ASP A 329 -8.20 -7.22 23.60
N VAL A 330 -7.69 -6.03 23.91
CA VAL A 330 -8.57 -4.86 23.97
C VAL A 330 -9.08 -4.51 22.57
N VAL A 331 -8.25 -4.68 21.55
CA VAL A 331 -8.68 -4.35 20.20
C VAL A 331 -9.79 -5.29 19.75
N PHE A 332 -9.70 -6.56 20.10
CA PHE A 332 -10.76 -7.51 19.74
C PHE A 332 -12.00 -7.27 20.58
N ALA A 333 -11.84 -6.88 21.84
CA ALA A 333 -13.01 -6.53 22.64
C ALA A 333 -13.69 -5.26 22.14
N LEU A 334 -12.96 -4.40 21.43
CA LEU A 334 -13.51 -3.13 20.97
C LEU A 334 -14.10 -3.20 19.57
N PHE A 335 -13.29 -3.54 18.57
CA PHE A 335 -13.72 -3.42 17.18
C PHE A 335 -14.53 -4.62 16.68
N ASP A 336 -14.71 -5.65 17.48
CA ASP A 336 -15.47 -6.83 17.06
C ASP A 336 -16.94 -6.59 17.41
N CYS A 337 -17.65 -5.94 16.49
CA CYS A 337 -19.05 -5.62 16.73
C CYS A 337 -19.91 -6.86 16.79
N ASP A 338 -19.71 -7.81 15.87
CA ASP A 338 -20.57 -8.98 15.78
C ASP A 338 -20.21 -10.08 16.76
N GLY A 339 -19.16 -9.89 17.56
CA GLY A 339 -18.81 -10.87 18.58
C GLY A 339 -18.41 -12.23 18.07
N ASN A 340 -18.07 -12.35 16.79
CA ASN A 340 -17.69 -13.64 16.23
C ASN A 340 -16.33 -14.12 16.74
N GLY A 341 -15.61 -13.29 17.49
CA GLY A 341 -14.32 -13.65 18.03
C GLY A 341 -13.14 -13.29 17.17
N GLU A 342 -13.38 -12.80 15.94
CA GLU A 342 -12.33 -12.52 15.00
C GLU A 342 -12.73 -11.34 14.13
N LEU A 343 -11.75 -10.53 13.75
CA LEU A 343 -12.00 -9.34 12.96
C LEU A 343 -11.97 -9.67 11.47
N SER A 344 -12.94 -9.14 10.75
CA SER A 344 -12.93 -9.24 9.29
C SER A 344 -12.28 -8.00 8.68
N ASN A 345 -12.07 -8.04 7.37
CA ASN A 345 -11.40 -6.94 6.70
C ASN A 345 -12.17 -5.63 6.87
N LYS A 346 -13.49 -5.67 6.70
CA LYS A 346 -14.30 -4.47 6.80
C LYS A 346 -14.44 -3.98 8.24
N GLU A 347 -14.18 -4.85 9.22
CA GLU A 347 -14.31 -4.43 10.62
C GLU A 347 -13.16 -3.56 11.07
N PHE A 348 -11.92 -3.97 10.78
CA PHE A 348 -10.75 -3.32 11.33
C PHE A 348 -9.83 -2.71 10.27
N VAL A 349 -9.39 -3.51 9.29
CA VAL A 349 -8.33 -3.06 8.41
C VAL A 349 -8.80 -1.93 7.51
N SER A 350 -10.04 -2.01 7.03
CA SER A 350 -10.56 -0.96 6.15
C SER A 350 -10.62 0.38 6.88
N ILE A 351 -11.11 0.38 8.12
CA ILE A 351 -11.21 1.61 8.89
C ILE A 351 -9.84 2.24 9.07
N MET A 352 -8.90 1.48 9.63
CA MET A 352 -7.59 2.02 9.94
C MET A 352 -6.76 2.29 8.69
N LYS A 353 -7.15 1.76 7.54
CA LYS A 353 -6.46 2.06 6.30
C LYS A 353 -7.00 3.33 5.66
N GLN A 354 -8.32 3.48 5.59
CA GLN A 354 -8.89 4.69 5.04
C GLN A 354 -8.69 5.89 5.95
N ARG A 355 -8.41 5.66 7.24
CA ARG A 355 -8.03 6.77 8.10
C ARG A 355 -6.71 7.40 7.63
N LEU A 356 -5.77 6.56 7.18
CA LEU A 356 -4.58 7.08 6.53
C LEU A 356 -4.90 7.82 5.24
N MET A 357 -6.10 7.63 4.70
CA MET A 357 -6.52 8.23 3.44
C MET A 357 -5.55 7.90 2.32
N LEU B 34 -16.99 -14.68 -4.32
CA LEU B 34 -17.60 -15.49 -5.36
C LEU B 34 -16.55 -16.00 -6.35
N ARG B 35 -15.28 -15.92 -5.94
CA ARG B 35 -14.21 -16.44 -6.77
C ARG B 35 -14.40 -17.91 -7.08
N LYS B 36 -15.00 -18.66 -6.14
CA LYS B 36 -15.28 -20.07 -6.38
C LYS B 36 -16.22 -20.25 -7.57
N GLN B 37 -17.09 -19.27 -7.84
CA GLN B 37 -17.97 -19.39 -9.00
C GLN B 37 -17.18 -19.32 -10.30
N ARG B 38 -16.34 -18.29 -10.45
CA ARG B 38 -15.46 -18.20 -11.60
C ARG B 38 -14.64 -19.47 -11.76
N PHE B 39 -14.09 -19.96 -10.66
CA PHE B 39 -13.23 -21.14 -10.73
C PHE B 39 -14.01 -22.36 -11.20
N MET B 40 -15.13 -22.68 -10.54
CA MET B 40 -15.90 -23.85 -10.90
C MET B 40 -16.46 -23.72 -12.32
N GLN B 41 -16.66 -22.49 -12.79
CA GLN B 41 -17.09 -22.29 -14.16
C GLN B 41 -15.98 -22.65 -15.15
N PHE B 42 -14.79 -22.09 -14.94
CA PHE B 42 -13.71 -22.33 -15.89
C PHE B 42 -13.07 -23.70 -15.74
N SER B 43 -13.14 -24.30 -14.55
CA SER B 43 -12.49 -25.59 -14.31
C SER B 43 -13.01 -26.65 -15.27
N SER B 44 -12.20 -27.68 -15.51
CA SER B 44 -12.50 -28.64 -16.56
C SER B 44 -12.41 -30.09 -16.11
N LEU B 45 -11.59 -30.41 -15.12
CA LEU B 45 -11.41 -31.79 -14.71
C LEU B 45 -12.07 -32.05 -13.37
N GLU B 46 -12.54 -33.28 -13.17
CA GLU B 46 -13.45 -33.60 -12.08
C GLU B 46 -12.90 -34.75 -11.25
N HIS B 47 -12.84 -34.58 -9.94
CA HIS B 47 -12.46 -35.68 -9.06
C HIS B 47 -13.19 -35.54 -7.73
N GLU B 48 -14.21 -36.38 -7.51
CA GLU B 48 -14.90 -36.50 -6.23
C GLU B 48 -15.35 -35.13 -5.72
N GLY B 49 -16.10 -34.42 -6.55
CA GLY B 49 -16.64 -33.13 -6.18
C GLY B 49 -15.66 -31.99 -6.20
N GLU B 50 -14.38 -32.25 -6.45
CA GLU B 50 -13.38 -31.19 -6.58
C GLU B 50 -13.11 -30.96 -8.06
N TYR B 51 -13.14 -29.69 -8.47
CA TYR B 51 -12.97 -29.32 -9.86
C TYR B 51 -11.61 -28.66 -10.05
N TYR B 52 -10.77 -29.29 -10.85
CA TYR B 52 -9.42 -28.81 -11.12
C TYR B 52 -9.38 -28.14 -12.49
N MET B 53 -8.52 -27.13 -12.61
CA MET B 53 -8.25 -26.45 -13.87
C MET B 53 -7.02 -27.03 -14.54
N THR B 54 -7.08 -27.17 -15.84
CA THR B 54 -5.86 -27.29 -16.61
C THR B 54 -5.28 -25.88 -16.81
N PRO B 55 -3.96 -25.75 -16.94
CA PRO B 55 -3.35 -24.40 -17.00
C PRO B 55 -3.95 -23.48 -18.08
N ARG B 56 -4.12 -24.00 -19.30
CA ARG B 56 -4.77 -23.25 -20.35
C ARG B 56 -6.16 -22.76 -19.97
N ASP B 57 -6.72 -23.23 -18.84
CA ASP B 57 -7.92 -22.61 -18.29
C ASP B 57 -7.59 -21.46 -17.37
N PHE B 58 -6.46 -21.51 -16.67
CA PHE B 58 -6.05 -20.37 -15.86
C PHE B 58 -5.69 -19.17 -16.73
N LEU B 59 -4.97 -19.42 -17.83
CA LEU B 59 -4.67 -18.34 -18.77
C LEU B 59 -5.95 -17.69 -19.28
N PHE B 60 -6.91 -18.50 -19.72
CA PHE B 60 -8.19 -17.96 -20.18
C PHE B 60 -8.88 -17.19 -19.06
N SER B 61 -8.84 -17.71 -17.84
CA SER B 61 -9.53 -17.06 -16.73
C SER B 61 -8.97 -15.67 -16.46
N VAL B 62 -7.66 -15.51 -16.61
CA VAL B 62 -7.08 -14.19 -16.35
C VAL B 62 -7.23 -13.28 -17.57
N MET B 63 -7.23 -13.84 -18.78
CA MET B 63 -7.32 -13.01 -19.98
C MET B 63 -8.77 -12.64 -20.29
N PHE B 64 -9.62 -13.64 -20.50
CA PHE B 64 -10.98 -13.42 -20.97
C PHE B 64 -11.92 -13.22 -19.79
N GLU B 65 -12.80 -12.23 -19.91
CA GLU B 65 -13.73 -11.93 -18.81
C GLU B 65 -14.85 -12.96 -18.74
N GLN B 66 -15.55 -13.19 -19.85
CA GLN B 66 -16.60 -14.19 -19.93
C GLN B 66 -16.53 -14.83 -21.31
N MET B 67 -16.56 -16.16 -21.36
CA MET B 67 -16.38 -16.86 -22.62
C MET B 67 -17.00 -18.25 -22.51
N GLU B 68 -16.94 -18.99 -23.62
CA GLU B 68 -17.38 -20.38 -23.67
C GLU B 68 -16.79 -21.08 -24.89
N LYS B 74 -15.29 -31.06 -16.70
CA LYS B 74 -16.11 -32.01 -17.44
C LYS B 74 -15.81 -33.45 -17.01
N LYS B 75 -14.66 -33.98 -17.43
CA LYS B 75 -14.30 -35.36 -17.13
C LYS B 75 -12.84 -35.44 -16.73
N LEU B 76 -12.52 -36.32 -15.78
CA LEU B 76 -11.14 -36.63 -15.42
C LEU B 76 -10.97 -38.14 -15.27
N THR B 77 -9.79 -38.63 -15.66
CA THR B 77 -9.45 -40.04 -15.57
C THR B 77 -7.98 -40.17 -15.22
N LYS B 78 -7.57 -41.40 -14.89
CA LYS B 78 -6.20 -41.62 -14.42
C LYS B 78 -5.18 -41.30 -15.50
N LYS B 79 -5.58 -41.41 -16.78
CA LYS B 79 -4.70 -40.97 -17.86
C LYS B 79 -4.44 -39.47 -17.78
N ASP B 80 -5.46 -38.70 -17.40
CA ASP B 80 -5.26 -37.27 -17.16
C ASP B 80 -4.32 -37.05 -15.98
N ILE B 81 -4.42 -37.87 -14.93
CA ILE B 81 -3.51 -37.77 -13.80
C ILE B 81 -2.08 -37.96 -14.26
N GLU B 82 -1.82 -39.04 -15.01
CA GLU B 82 -0.46 -39.28 -15.51
C GLU B 82 0.01 -38.17 -16.44
N ASP B 83 -0.90 -37.63 -17.25
CA ASP B 83 -0.58 -36.46 -18.07
C ASP B 83 -0.03 -35.32 -17.22
N THR B 84 -0.74 -34.98 -16.14
CA THR B 84 -0.29 -33.88 -15.29
C THR B 84 1.01 -34.24 -14.57
N LEU B 85 1.19 -35.53 -14.25
CA LEU B 85 2.42 -35.97 -13.60
C LEU B 85 3.61 -35.80 -14.53
N SER B 86 3.41 -35.98 -15.83
CA SER B 86 4.50 -35.94 -16.79
C SER B 86 4.76 -34.54 -17.34
N GLY B 87 3.73 -33.70 -17.44
CA GLY B 87 3.86 -32.42 -18.12
C GLY B 87 4.79 -31.43 -17.45
N ILE B 88 5.13 -31.65 -16.17
CA ILE B 88 5.97 -30.69 -15.46
C ILE B 88 7.38 -30.68 -16.04
N GLN B 89 7.86 -31.82 -16.54
CA GLN B 89 9.22 -31.89 -17.07
C GLN B 89 9.32 -31.24 -18.45
N THR B 90 8.25 -31.32 -19.25
CA THR B 90 8.30 -30.82 -20.62
C THR B 90 8.43 -29.31 -20.67
N ALA B 91 7.69 -28.60 -19.83
CA ALA B 91 7.72 -27.14 -19.81
C ALA B 91 8.86 -26.63 -18.94
N GLY B 92 9.60 -25.65 -19.45
CA GLY B 92 10.67 -25.05 -18.68
C GLY B 92 10.14 -24.12 -17.61
N CYS B 93 11.00 -23.84 -16.64
CA CYS B 93 10.65 -22.98 -15.52
C CYS B 93 10.77 -21.49 -15.83
N GLY B 94 10.95 -21.14 -17.11
CA GLY B 94 11.13 -19.75 -17.49
C GLY B 94 9.86 -18.94 -17.40
N SER B 95 9.82 -17.79 -18.09
CA SER B 95 8.62 -16.96 -18.10
C SER B 95 7.50 -17.59 -18.89
N THR B 96 7.81 -18.53 -19.79
CA THR B 96 6.82 -19.19 -20.63
C THR B 96 6.35 -20.52 -20.04
N PHE B 97 6.27 -20.63 -18.72
CA PHE B 97 5.93 -21.88 -18.07
C PHE B 97 4.56 -22.39 -18.54
N PHE B 98 3.53 -21.57 -18.36
CA PHE B 98 2.17 -22.05 -18.61
C PHE B 98 1.92 -22.30 -20.09
N ARG B 99 2.51 -21.49 -20.97
CA ARG B 99 2.30 -21.69 -22.40
C ARG B 99 2.90 -23.00 -22.87
N ASP B 100 4.08 -23.36 -22.35
CA ASP B 100 4.70 -24.61 -22.74
C ASP B 100 4.00 -25.80 -22.10
N LEU B 101 3.53 -25.64 -20.85
CA LEU B 101 2.69 -26.67 -20.24
C LEU B 101 1.54 -27.04 -21.18
N GLY B 102 0.70 -26.08 -21.49
CA GLY B 102 -0.40 -26.29 -22.44
C GLY B 102 -1.66 -26.81 -21.75
N ASP B 103 -1.97 -28.08 -21.97
CA ASP B 103 -3.13 -28.71 -21.36
C ASP B 103 -2.77 -29.84 -20.40
N LYS B 104 -1.48 -30.14 -20.23
CA LYS B 104 -1.05 -31.19 -19.31
C LYS B 104 -0.71 -30.54 -17.98
N GLY B 105 -1.73 -30.41 -17.11
CA GLY B 105 -1.49 -29.85 -15.80
C GLY B 105 -2.70 -29.98 -14.92
N LEU B 106 -2.54 -29.52 -13.68
CA LEU B 106 -3.63 -29.48 -12.71
C LEU B 106 -3.50 -28.22 -11.87
N ILE B 107 -4.59 -27.50 -11.70
CA ILE B 107 -4.62 -26.31 -10.87
C ILE B 107 -5.79 -26.44 -9.90
N SER B 108 -5.50 -26.72 -8.63
CA SER B 108 -6.50 -26.76 -7.58
C SER B 108 -7.14 -25.38 -7.40
N TYR B 109 -8.10 -25.26 -6.48
CA TYR B 109 -8.69 -23.96 -6.22
C TYR B 109 -7.73 -23.05 -5.47
N THR B 110 -6.96 -23.61 -4.55
CA THR B 110 -6.06 -22.77 -3.76
C THR B 110 -4.90 -22.26 -4.59
N GLU B 111 -4.41 -23.07 -5.54
CA GLU B 111 -3.41 -22.56 -6.47
C GLU B 111 -3.96 -21.41 -7.29
N TYR B 112 -5.23 -21.50 -7.69
CA TYR B 112 -5.86 -20.43 -8.44
C TYR B 112 -5.92 -19.15 -7.62
N LEU B 113 -6.38 -19.26 -6.37
CA LEU B 113 -6.49 -18.07 -5.53
C LEU B 113 -5.11 -17.50 -5.21
N PHE B 114 -4.12 -18.36 -5.01
CA PHE B 114 -2.76 -17.91 -4.73
C PHE B 114 -2.16 -17.19 -5.92
N LEU B 115 -2.37 -17.71 -7.14
CA LEU B 115 -1.87 -17.04 -8.34
C LEU B 115 -2.56 -15.69 -8.51
N LEU B 116 -3.88 -15.65 -8.36
CA LEU B 116 -4.59 -14.37 -8.39
C LEU B 116 -3.98 -13.38 -7.41
N THR B 117 -3.68 -13.83 -6.20
CA THR B 117 -3.05 -12.95 -5.22
C THR B 117 -1.70 -12.46 -5.72
N ILE B 118 -0.88 -13.36 -6.25
CA ILE B 118 0.49 -13.02 -6.64
C ILE B 118 0.56 -12.30 -7.97
N LEU B 119 -0.58 -12.08 -8.62
CA LEU B 119 -0.57 -11.38 -9.90
C LEU B 119 -0.43 -9.87 -9.75
N THR B 120 -1.01 -9.29 -8.70
CA THR B 120 -1.01 -7.85 -8.48
C THR B 120 -0.18 -7.46 -7.27
N LYS B 121 0.94 -8.14 -7.05
CA LYS B 121 1.80 -7.86 -5.92
C LYS B 121 2.78 -6.76 -6.30
N PRO B 122 2.74 -5.58 -5.67
CA PRO B 122 3.83 -4.63 -5.82
C PRO B 122 5.11 -5.21 -5.25
N HIS B 123 6.21 -5.04 -5.98
CA HIS B 123 7.43 -5.78 -5.69
C HIS B 123 7.87 -5.65 -4.25
N SER B 124 7.65 -4.48 -3.64
CA SER B 124 7.99 -4.30 -2.24
C SER B 124 7.32 -5.34 -1.36
N GLY B 125 6.16 -5.85 -1.78
CA GLY B 125 5.45 -6.85 -1.00
C GLY B 125 5.96 -8.26 -1.16
N PHE B 126 6.70 -8.54 -2.24
CA PHE B 126 7.17 -9.90 -2.50
C PHE B 126 7.71 -10.55 -1.24
N HIS B 127 8.78 -9.97 -0.69
CA HIS B 127 9.41 -10.51 0.50
C HIS B 127 8.42 -10.79 1.61
N VAL B 128 7.55 -9.83 1.94
CA VAL B 128 6.70 -10.03 3.11
C VAL B 128 5.81 -11.25 2.91
N ALA B 129 5.37 -11.48 1.67
CA ALA B 129 4.53 -12.64 1.42
C ALA B 129 5.25 -13.92 1.78
N PHE B 130 6.51 -14.03 1.35
CA PHE B 130 7.34 -15.17 1.75
C PHE B 130 7.34 -15.32 3.26
N LYS B 131 7.56 -14.21 3.97
CA LYS B 131 7.65 -14.30 5.43
C LYS B 131 6.35 -14.77 6.04
N MET B 132 5.22 -14.52 5.37
CA MET B 132 3.95 -14.94 5.92
C MET B 132 3.69 -16.42 5.71
N LEU B 133 4.43 -17.06 4.81
CA LEU B 133 4.37 -18.51 4.68
C LEU B 133 5.40 -19.18 5.57
N ASP B 134 6.63 -18.66 5.58
CA ASP B 134 7.70 -19.18 6.42
C ASP B 134 7.47 -18.79 7.86
N THR B 135 6.77 -19.64 8.61
CA THR B 135 6.43 -19.31 9.99
C THR B 135 7.52 -19.68 10.97
N ASP B 136 8.19 -20.81 10.77
CA ASP B 136 9.30 -21.18 11.64
C ASP B 136 10.56 -20.38 11.36
N GLY B 137 10.66 -19.74 10.19
CA GLY B 137 11.80 -18.90 9.90
C GLY B 137 13.06 -19.62 9.50
N ASN B 138 12.95 -20.77 8.85
CA ASN B 138 14.11 -21.49 8.35
C ASN B 138 14.51 -21.06 6.94
N GLU B 139 14.05 -19.90 6.48
CA GLU B 139 14.32 -19.37 5.15
C GLU B 139 13.86 -20.31 4.05
N MET B 140 12.90 -21.19 4.34
CA MET B 140 12.43 -22.18 3.38
C MET B 140 10.98 -22.51 3.66
N ILE B 141 10.26 -22.84 2.59
CA ILE B 141 8.87 -23.26 2.68
C ILE B 141 8.82 -24.77 2.53
N GLU B 142 8.57 -25.46 3.63
CA GLU B 142 8.28 -26.88 3.54
C GLU B 142 6.92 -27.11 2.91
N LYS B 143 6.72 -28.32 2.39
CA LYS B 143 5.42 -28.67 1.83
C LYS B 143 4.31 -28.43 2.85
N ARG B 144 4.45 -29.02 4.03
CA ARG B 144 3.46 -28.82 5.08
C ARG B 144 3.49 -27.41 5.66
N GLU B 145 4.46 -26.58 5.26
CA GLU B 145 4.47 -25.20 5.76
C GLU B 145 3.35 -24.38 5.13
N PHE B 146 3.14 -24.52 3.83
CA PHE B 146 2.10 -23.76 3.13
C PHE B 146 0.91 -24.61 2.72
N PHE B 147 1.15 -25.83 2.24
CA PHE B 147 0.07 -26.66 1.73
C PHE B 147 -1.00 -26.85 2.79
N LYS B 148 -0.59 -27.17 4.01
CA LYS B 148 -1.56 -27.25 5.10
C LYS B 148 -2.15 -25.89 5.40
N LEU B 149 -1.40 -24.81 5.17
CA LEU B 149 -1.81 -23.49 5.66
C LEU B 149 -2.92 -22.90 4.80
N GLN B 150 -2.64 -22.70 3.52
CA GLN B 150 -3.64 -22.11 2.63
C GLN B 150 -4.86 -23.02 2.52
N LYS B 151 -4.63 -24.32 2.33
CA LYS B 151 -5.75 -25.26 2.28
C LYS B 151 -6.55 -25.23 3.58
N ILE B 152 -5.87 -25.12 4.72
CA ILE B 152 -6.60 -25.20 5.98
C ILE B 152 -7.41 -23.94 6.21
N ILE B 153 -6.93 -22.78 5.77
CA ILE B 153 -7.75 -21.59 5.97
C ILE B 153 -8.89 -21.56 4.96
N SER B 154 -8.67 -22.11 3.76
CA SER B 154 -9.77 -22.33 2.83
C SER B 154 -10.87 -23.17 3.48
N LYS B 155 -10.50 -24.37 3.95
CA LYS B 155 -11.49 -25.26 4.56
C LYS B 155 -12.17 -24.61 5.75
N GLN B 156 -11.41 -23.92 6.59
CA GLN B 156 -11.99 -23.35 7.81
C GLN B 156 -13.00 -22.27 7.46
N ASP B 157 -12.70 -21.42 6.49
CA ASP B 157 -13.70 -20.44 6.10
C ASP B 157 -14.85 -21.07 5.32
N ASP B 158 -14.63 -22.25 4.75
CA ASP B 158 -15.71 -22.93 4.04
C ASP B 158 -16.74 -23.49 5.02
N LEU B 159 -16.30 -24.38 5.91
CA LEU B 159 -17.24 -25.08 6.77
C LEU B 159 -17.91 -24.14 7.77
N MET B 160 -17.19 -23.13 8.24
CA MET B 160 -17.75 -22.18 9.20
C MET B 160 -18.43 -21.02 8.47
N ASN B 180 -1.13 -35.31 -7.15
CA ASN B 180 0.01 -34.33 -7.12
C ASN B 180 -0.16 -33.34 -8.27
N THR B 181 -0.48 -32.08 -7.95
CA THR B 181 -0.69 -31.01 -8.95
C THR B 181 0.67 -30.46 -9.42
N THR B 182 0.66 -29.69 -10.53
CA THR B 182 1.88 -29.15 -11.16
C THR B 182 2.67 -28.18 -10.25
N LEU B 183 2.05 -27.08 -9.79
CA LEU B 183 2.81 -26.10 -9.03
C LEU B 183 3.46 -26.74 -7.81
N GLN B 184 2.76 -27.67 -7.16
CA GLN B 184 3.35 -28.37 -6.03
C GLN B 184 4.46 -29.31 -6.49
N MET B 185 4.27 -29.97 -7.62
CA MET B 185 5.32 -30.84 -8.15
C MET B 185 6.55 -30.06 -8.55
N ARG B 186 6.39 -28.77 -8.88
CA ARG B 186 7.52 -27.92 -9.23
C ARG B 186 8.21 -27.38 -7.99
N PHE B 187 7.42 -26.96 -7.00
CA PHE B 187 7.99 -26.40 -5.78
C PHE B 187 8.58 -27.45 -4.86
N PHE B 188 8.23 -28.72 -5.04
CA PHE B 188 8.71 -29.75 -4.10
C PHE B 188 9.08 -31.04 -4.81
N GLY B 189 9.52 -30.97 -6.07
CA GLY B 189 10.00 -32.14 -6.76
C GLY B 189 8.92 -33.18 -7.02
N LYS B 190 9.36 -34.29 -7.63
CA LYS B 190 8.43 -35.34 -8.02
C LYS B 190 7.79 -36.01 -6.81
N ARG B 191 8.54 -36.19 -5.72
CA ARG B 191 8.06 -36.94 -4.57
C ARG B 191 7.47 -36.06 -3.47
N GLY B 192 7.49 -34.74 -3.64
CA GLY B 192 6.91 -33.85 -2.65
C GLY B 192 7.72 -33.79 -1.37
N GLN B 193 9.04 -33.59 -1.50
CA GLN B 193 9.93 -33.52 -0.35
C GLN B 193 10.93 -32.38 -0.39
N ARG B 194 11.21 -31.78 -1.54
CA ARG B 194 12.20 -30.72 -1.63
C ARG B 194 11.70 -29.47 -0.90
N LYS B 195 12.50 -28.40 -0.95
CA LYS B 195 12.18 -27.17 -0.26
C LYS B 195 12.23 -26.00 -1.23
N LEU B 196 11.57 -24.91 -0.82
CA LEU B 196 11.52 -23.68 -1.59
C LEU B 196 12.37 -22.61 -0.90
N HIS B 197 13.03 -21.78 -1.69
CA HIS B 197 13.81 -20.67 -1.19
C HIS B 197 13.25 -19.37 -1.76
N TYR B 198 13.92 -18.25 -1.44
CA TYR B 198 13.38 -16.96 -1.84
C TYR B 198 13.64 -16.67 -3.31
N LYS B 199 14.79 -17.11 -3.84
CA LYS B 199 15.16 -16.71 -5.19
C LYS B 199 14.25 -17.37 -6.22
N GLU B 200 13.91 -18.65 -6.02
CA GLU B 200 13.01 -19.32 -6.95
C GLU B 200 11.59 -18.76 -6.85
N PHE B 201 11.13 -18.47 -5.63
CA PHE B 201 9.83 -17.84 -5.45
C PHE B 201 9.76 -16.50 -6.19
N ARG B 202 10.79 -15.67 -6.04
CA ARG B 202 10.78 -14.37 -6.67
C ARG B 202 10.86 -14.50 -8.19
N ARG B 203 11.70 -15.40 -8.69
CA ARG B 203 11.77 -15.63 -10.13
C ARG B 203 10.44 -16.09 -10.67
N PHE B 204 9.72 -16.94 -9.92
CA PHE B 204 8.44 -17.44 -10.39
C PHE B 204 7.39 -16.33 -10.40
N MET B 205 7.33 -15.52 -9.35
CA MET B 205 6.41 -14.40 -9.35
C MET B 205 6.65 -13.50 -10.54
N GLU B 206 7.92 -13.11 -10.75
CA GLU B 206 8.23 -12.18 -11.84
C GLU B 206 7.96 -12.81 -13.19
N ASN B 207 8.20 -14.11 -13.33
CA ASN B 207 7.93 -14.77 -14.60
C ASN B 207 6.44 -14.85 -14.88
N LEU B 208 5.62 -15.09 -13.84
CA LEU B 208 4.18 -15.12 -14.05
C LEU B 208 3.67 -13.75 -14.47
N GLN B 209 4.11 -12.70 -13.79
CA GLN B 209 3.67 -11.37 -14.15
C GLN B 209 4.11 -10.99 -15.56
N THR B 210 5.35 -11.33 -15.92
CA THR B 210 5.83 -11.05 -17.27
C THR B 210 5.06 -11.85 -18.30
N GLU B 211 4.63 -13.06 -17.97
CA GLU B 211 3.88 -13.86 -18.93
C GLU B 211 2.50 -13.29 -19.19
N ILE B 212 1.82 -12.86 -18.12
CA ILE B 212 0.51 -12.24 -18.32
C ILE B 212 0.66 -10.93 -19.09
N GLN B 213 1.75 -10.20 -18.83
CA GLN B 213 1.96 -8.96 -19.58
C GLN B 213 2.23 -9.22 -21.05
N GLU B 214 3.04 -10.23 -21.36
CA GLU B 214 3.26 -10.60 -22.75
C GLU B 214 1.96 -10.97 -23.43
N MET B 215 1.12 -11.75 -22.75
CA MET B 215 -0.13 -12.17 -23.38
C MET B 215 -1.06 -10.99 -23.61
N GLU B 216 -1.11 -10.04 -22.68
CA GLU B 216 -1.92 -8.84 -22.89
C GLU B 216 -1.41 -8.06 -24.10
N PHE B 217 -0.11 -7.78 -24.15
CA PHE B 217 0.46 -7.04 -25.26
C PHE B 217 0.14 -7.72 -26.58
N LEU B 218 0.32 -9.04 -26.64
CA LEU B 218 0.15 -9.73 -27.91
C LEU B 218 -1.32 -9.86 -28.29
N GLN B 219 -2.22 -9.93 -27.31
CA GLN B 219 -3.64 -9.91 -27.64
C GLN B 219 -4.04 -8.57 -28.23
N PHE B 220 -3.52 -7.48 -27.65
CA PHE B 220 -3.96 -6.16 -28.07
C PHE B 220 -3.25 -5.65 -29.32
N SER B 221 -2.11 -6.23 -29.68
CA SER B 221 -1.39 -5.79 -30.88
C SER B 221 -1.76 -6.58 -32.12
N LYS B 222 -2.83 -7.36 -32.07
CA LYS B 222 -3.29 -8.17 -33.21
C LYS B 222 -2.18 -9.09 -33.70
N GLY B 223 -1.54 -9.77 -32.76
CA GLY B 223 -0.55 -10.79 -33.09
C GLY B 223 0.76 -10.30 -33.64
N LEU B 224 0.93 -8.99 -33.82
CA LEU B 224 2.11 -8.45 -34.46
C LEU B 224 3.18 -8.11 -33.44
N SER B 225 4.40 -7.87 -33.95
CA SER B 225 5.55 -7.61 -33.09
C SER B 225 5.49 -6.24 -32.42
N PHE B 226 4.69 -5.32 -32.97
CA PHE B 226 4.60 -3.97 -32.43
C PHE B 226 3.15 -3.54 -32.37
N MET B 227 2.72 -3.07 -31.20
CA MET B 227 1.52 -2.25 -31.15
C MET B 227 1.71 -1.01 -32.01
N ARG B 228 0.61 -0.38 -32.36
CA ARG B 228 0.67 1.01 -32.79
C ARG B 228 0.12 1.87 -31.66
N LYS B 229 0.49 3.15 -31.69
CA LYS B 229 0.08 4.04 -30.60
C LYS B 229 -1.43 4.15 -30.51
N GLU B 230 -2.14 3.93 -31.63
CA GLU B 230 -3.59 3.83 -31.58
C GLU B 230 -4.02 2.65 -30.73
N ASP B 231 -3.36 1.51 -30.89
CA ASP B 231 -3.76 0.31 -30.16
C ASP B 231 -3.42 0.42 -28.68
N PHE B 232 -2.28 1.03 -28.35
CA PHE B 232 -1.98 1.27 -26.95
C PHE B 232 -2.93 2.28 -26.34
N ALA B 233 -3.36 3.27 -27.12
CA ALA B 233 -4.38 4.19 -26.63
C ALA B 233 -5.68 3.44 -26.32
N GLU B 234 -6.06 2.51 -27.18
CA GLU B 234 -7.23 1.68 -26.91
C GLU B 234 -7.03 0.84 -25.64
N TRP B 235 -5.84 0.26 -25.48
CA TRP B 235 -5.55 -0.51 -24.27
C TRP B 235 -5.68 0.35 -23.03
N LEU B 236 -5.12 1.56 -23.07
CA LEU B 236 -5.21 2.47 -21.93
C LEU B 236 -6.65 2.84 -21.62
N LEU B 237 -7.45 3.10 -22.65
CA LEU B 237 -8.83 3.49 -22.43
C LEU B 237 -9.64 2.34 -21.83
N PHE B 238 -9.44 1.12 -22.34
CA PHE B 238 -10.08 -0.04 -21.72
C PHE B 238 -9.62 -0.21 -20.28
N PHE B 239 -8.35 0.06 -20.02
CA PHE B 239 -7.77 -0.19 -18.70
C PHE B 239 -8.32 0.79 -17.66
N THR B 240 -8.39 2.07 -18.01
CA THR B 240 -9.01 3.04 -17.12
C THR B 240 -10.53 3.00 -17.17
N ASN B 241 -11.10 2.05 -17.91
CA ASN B 241 -12.54 1.87 -18.09
C ASN B 241 -13.26 3.20 -18.29
N THR B 242 -12.64 4.11 -19.04
CA THR B 242 -13.19 5.44 -19.30
C THR B 242 -13.26 5.72 -20.79
N GLU B 243 -13.58 4.69 -21.58
CA GLU B 243 -13.75 4.90 -23.02
C GLU B 243 -15.02 5.66 -23.35
N ASN B 244 -15.92 5.84 -22.39
CA ASN B 244 -17.17 6.53 -22.65
C ASN B 244 -16.96 7.94 -23.16
N LYS B 245 -16.00 8.66 -22.58
CA LYS B 245 -15.76 10.05 -22.94
C LYS B 245 -15.11 10.12 -24.32
N ASP B 246 -15.84 10.67 -25.29
CA ASP B 246 -15.35 10.76 -26.65
C ASP B 246 -14.21 11.76 -26.81
N ILE B 247 -13.92 12.54 -25.77
CA ILE B 247 -12.83 13.51 -25.84
C ILE B 247 -11.50 12.79 -26.03
N TYR B 248 -11.33 11.65 -25.36
CA TYR B 248 -10.08 10.89 -25.51
C TYR B 248 -9.95 10.33 -26.93
N TRP B 249 -11.05 9.85 -27.51
CA TRP B 249 -11.02 9.41 -28.89
C TRP B 249 -10.70 10.56 -29.82
N LYS B 250 -11.24 11.76 -29.54
CA LYS B 250 -10.90 12.94 -30.33
C LYS B 250 -9.41 13.23 -30.25
N ASN B 251 -8.83 13.15 -29.06
CA ASN B 251 -7.42 13.45 -28.88
C ASN B 251 -6.57 12.42 -29.63
N VAL B 252 -6.90 11.14 -29.50
CA VAL B 252 -6.11 10.11 -30.16
C VAL B 252 -6.31 10.16 -31.67
N ARG B 253 -7.43 10.70 -32.14
CA ARG B 253 -7.64 10.82 -33.58
C ARG B 253 -6.93 12.04 -34.16
N GLU B 254 -6.76 13.10 -33.36
CA GLU B 254 -6.25 14.36 -33.88
C GLU B 254 -4.80 14.64 -33.51
N LYS B 255 -4.19 13.88 -32.61
CA LYS B 255 -2.83 14.20 -32.20
C LYS B 255 -1.90 13.00 -32.34
N LEU B 256 -2.44 11.79 -32.22
CA LEU B 256 -1.62 10.57 -32.33
C LEU B 256 -1.64 10.13 -33.79
N SER B 257 -0.64 10.58 -34.54
CA SER B 257 -0.61 10.34 -35.97
C SER B 257 -0.34 8.86 -36.25
N ALA B 258 -0.32 8.51 -37.54
CA ALA B 258 0.05 7.17 -37.99
C ALA B 258 1.58 7.07 -38.00
N GLY B 259 2.14 6.84 -36.81
CA GLY B 259 3.57 6.95 -36.65
C GLY B 259 4.20 5.87 -35.80
N GLU B 260 4.98 6.27 -34.81
CA GLU B 260 5.82 5.36 -34.05
C GLU B 260 5.00 4.23 -33.45
N SER B 261 5.68 3.12 -33.17
CA SER B 261 5.08 1.96 -32.54
C SER B 261 5.43 1.92 -31.06
N ILE B 262 5.06 0.83 -30.40
CA ILE B 262 5.38 0.61 -29.00
C ILE B 262 5.87 -0.82 -28.86
N SER B 263 7.13 -0.98 -28.50
CA SER B 263 7.73 -2.31 -28.40
C SER B 263 7.24 -3.01 -27.13
N LEU B 264 7.78 -4.20 -26.89
CA LEU B 264 7.33 -4.98 -25.74
C LEU B 264 7.80 -4.38 -24.43
N ASP B 265 9.06 -3.92 -24.37
CA ASP B 265 9.62 -3.47 -23.11
C ASP B 265 8.94 -2.22 -22.60
N GLU B 266 8.55 -1.31 -23.50
CA GLU B 266 7.87 -0.10 -23.06
C GLU B 266 6.52 -0.42 -22.43
N PHE B 267 5.76 -1.32 -23.06
CA PHE B 267 4.49 -1.73 -22.46
C PHE B 267 4.70 -2.42 -21.12
N LYS B 268 5.73 -3.26 -21.03
CA LYS B 268 6.01 -3.93 -19.76
C LYS B 268 6.35 -2.93 -18.66
N SER B 269 7.12 -1.90 -19.02
CA SER B 269 7.47 -0.87 -18.05
C SER B 269 6.25 -0.11 -17.58
N PHE B 270 5.35 0.24 -18.52
CA PHE B 270 4.13 0.93 -18.10
C PHE B 270 3.26 0.05 -17.21
N CYS B 271 3.19 -1.26 -17.50
CA CYS B 271 2.43 -2.16 -16.63
C CYS B 271 3.01 -2.18 -15.23
N HIS B 272 4.32 -2.42 -15.12
CA HIS B 272 4.97 -2.41 -13.82
C HIS B 272 4.75 -1.09 -13.11
N PHE B 273 4.64 0.01 -13.86
CA PHE B 273 4.32 1.27 -13.20
C PHE B 273 2.89 1.24 -12.69
N THR B 274 1.99 0.62 -13.45
CA THR B 274 0.58 0.65 -13.06
C THR B 274 0.36 -0.08 -11.75
N THR B 275 1.19 -1.10 -11.46
CA THR B 275 0.92 -1.83 -10.22
C THR B 275 1.42 -1.08 -8.98
N HIS B 276 2.39 -0.17 -9.12
CA HIS B 276 2.91 0.64 -8.03
C HIS B 276 2.20 1.99 -7.92
N LEU B 277 0.93 2.07 -8.28
CA LEU B 277 0.30 3.38 -8.44
C LEU B 277 0.09 4.10 -7.11
N GLU B 278 -0.04 3.37 -6.00
CA GLU B 278 -0.29 4.03 -4.72
C GLU B 278 0.96 4.73 -4.19
N ASP B 279 2.13 4.13 -4.39
CA ASP B 279 3.37 4.84 -4.08
C ASP B 279 3.50 6.11 -4.90
N PHE B 280 3.10 6.06 -6.18
CA PHE B 280 3.13 7.26 -7.01
C PHE B 280 2.17 8.31 -6.47
N ALA B 281 1.01 7.89 -5.98
CA ALA B 281 0.04 8.85 -5.44
C ALA B 281 0.61 9.52 -4.19
N ILE B 282 1.24 8.75 -3.30
CA ILE B 282 1.80 9.34 -2.08
C ILE B 282 3.10 10.07 -2.37
N ALA B 283 3.65 9.91 -3.57
CA ALA B 283 4.78 10.73 -3.99
C ALA B 283 4.32 12.07 -4.54
N MET B 284 3.22 12.09 -5.28
CA MET B 284 2.70 13.32 -5.87
C MET B 284 1.73 14.06 -4.97
N GLN B 285 1.42 13.54 -3.78
CA GLN B 285 0.56 14.31 -2.88
C GLN B 285 1.17 15.66 -2.53
N MET B 286 2.50 15.81 -2.61
CA MET B 286 3.12 17.12 -2.43
C MET B 286 2.57 18.12 -3.44
N PHE B 287 2.63 17.79 -4.73
CA PHE B 287 2.08 18.67 -5.75
C PHE B 287 0.56 18.77 -5.64
N SER B 288 -0.10 17.72 -5.14
CA SER B 288 -1.55 17.74 -5.07
C SER B 288 -2.03 18.74 -4.02
N LEU B 289 -1.38 18.77 -2.84
CA LEU B 289 -1.77 19.69 -1.79
C LEU B 289 -1.44 21.14 -2.12
N ALA B 290 -0.66 21.38 -3.17
CA ALA B 290 -0.36 22.73 -3.63
C ALA B 290 -1.06 23.09 -4.94
N HIS B 291 -1.79 22.15 -5.54
CA HIS B 291 -2.58 22.40 -6.74
C HIS B 291 -1.69 22.84 -7.91
N ARG B 292 -0.76 21.97 -8.28
CA ARG B 292 0.24 22.30 -9.28
C ARG B 292 0.19 21.34 -10.46
N PRO B 293 0.21 21.83 -11.69
CA PRO B 293 0.30 20.94 -12.86
C PRO B 293 1.70 20.36 -13.01
N VAL B 294 1.76 19.22 -13.68
CA VAL B 294 2.98 18.42 -13.78
C VAL B 294 3.46 18.40 -15.23
N ARG B 295 4.65 18.94 -15.45
CA ARG B 295 5.27 18.88 -16.77
C ARG B 295 5.70 17.45 -17.09
N LEU B 296 6.33 17.27 -18.25
CA LEU B 296 6.74 15.92 -18.65
C LEU B 296 7.97 15.46 -17.88
N ALA B 297 8.98 16.32 -17.76
CA ALA B 297 10.20 15.93 -17.06
C ALA B 297 9.92 15.63 -15.60
N GLU B 298 9.07 16.44 -14.96
CA GLU B 298 8.65 16.17 -13.59
C GLU B 298 8.03 14.80 -13.47
N PHE B 299 7.14 14.45 -14.40
CA PHE B 299 6.45 13.17 -14.32
C PHE B 299 7.41 12.01 -14.55
N LYS B 300 8.33 12.16 -15.50
CA LYS B 300 9.27 11.08 -15.79
C LYS B 300 10.19 10.82 -14.60
N ARG B 301 10.76 11.88 -14.03
CA ARG B 301 11.58 11.67 -12.84
C ARG B 301 10.75 11.15 -11.68
N ALA B 302 9.48 11.57 -11.59
CA ALA B 302 8.65 11.15 -10.47
C ALA B 302 8.37 9.65 -10.53
N VAL B 303 8.01 9.14 -11.70
CA VAL B 303 7.82 7.69 -11.80
C VAL B 303 9.13 6.97 -11.57
N LYS B 304 10.23 7.47 -12.18
CA LYS B 304 11.52 6.81 -12.01
C LYS B 304 11.91 6.69 -10.55
N VAL B 305 11.56 7.66 -9.73
CA VAL B 305 11.96 7.65 -8.33
C VAL B 305 10.97 6.87 -7.47
N ALA B 306 9.67 7.11 -7.64
CA ALA B 306 8.67 6.51 -6.76
C ALA B 306 8.40 5.03 -7.07
N THR B 307 8.69 4.58 -8.29
CA THR B 307 8.44 3.17 -8.62
C THR B 307 9.70 2.45 -9.10
N GLY B 308 10.82 3.14 -9.25
CA GLY B 308 12.04 2.52 -9.73
C GLY B 308 12.06 2.23 -11.22
N GLN B 309 10.89 2.07 -11.83
CA GLN B 309 10.83 1.83 -13.27
C GLN B 309 11.06 3.12 -14.03
N GLU B 310 11.84 3.03 -15.11
CA GLU B 310 12.17 4.19 -15.93
C GLU B 310 11.30 4.16 -17.17
N LEU B 311 10.34 5.08 -17.25
CA LEU B 311 9.42 5.12 -18.38
C LEU B 311 10.09 5.71 -19.61
N SER B 312 9.81 5.15 -20.76
CA SER B 312 10.33 5.70 -22.01
C SER B 312 9.69 7.05 -22.30
N ASN B 313 10.25 7.75 -23.29
CA ASN B 313 9.66 9.01 -23.72
C ASN B 313 8.48 8.81 -24.65
N ASN B 314 8.42 7.67 -25.36
CA ASN B 314 7.30 7.40 -26.26
C ASN B 314 6.00 7.22 -25.48
N ILE B 315 6.02 6.36 -24.45
CA ILE B 315 4.82 6.10 -23.67
C ILE B 315 4.35 7.37 -22.96
N LEU B 316 5.29 8.14 -22.43
CA LEU B 316 4.90 9.35 -21.71
C LEU B 316 4.38 10.42 -22.67
N ASP B 317 4.99 10.53 -23.84
CA ASP B 317 4.44 11.40 -24.88
C ASP B 317 3.00 11.00 -25.19
N THR B 318 2.74 9.70 -25.34
CA THR B 318 1.39 9.24 -25.67
C THR B 318 0.42 9.59 -24.56
N VAL B 319 0.79 9.33 -23.31
CA VAL B 319 -0.12 9.61 -22.19
C VAL B 319 -0.39 11.11 -22.10
N PHE B 320 0.65 11.93 -22.26
CA PHE B 320 0.45 13.37 -22.20
C PHE B 320 -0.44 13.85 -23.34
N LYS B 321 -0.32 13.25 -24.51
CA LYS B 321 -1.18 13.63 -25.63
C LYS B 321 -2.62 13.21 -25.39
N ILE B 322 -2.82 12.05 -24.77
CA ILE B 322 -4.17 11.52 -24.55
C ILE B 322 -4.89 12.31 -23.48
N PHE B 323 -4.32 12.38 -22.28
CA PHE B 323 -5.02 12.92 -21.12
C PHE B 323 -4.88 14.42 -20.97
N ASP B 324 -4.58 15.14 -22.05
CA ASP B 324 -4.43 16.59 -22.00
C ASP B 324 -5.77 17.23 -22.37
N LEU B 325 -6.61 17.45 -21.36
CA LEU B 325 -7.90 18.10 -21.61
C LEU B 325 -7.74 19.61 -21.68
N ASP B 326 -7.01 20.20 -20.73
CA ASP B 326 -6.81 21.64 -20.71
C ASP B 326 -5.88 22.13 -21.81
N GLY B 327 -5.16 21.23 -22.48
CA GLY B 327 -4.32 21.61 -23.60
C GLY B 327 -3.10 22.44 -23.22
N ASP B 328 -2.47 22.15 -22.08
CA ASP B 328 -1.35 22.92 -21.59
C ASP B 328 -0.01 22.21 -21.75
N GLU B 329 0.01 20.98 -22.27
CA GLU B 329 1.19 20.13 -22.38
C GLU B 329 1.74 19.69 -21.03
N CYS B 330 0.97 19.84 -19.96
CA CYS B 330 1.40 19.43 -18.63
C CYS B 330 0.18 18.93 -17.86
N LEU B 331 0.23 17.68 -17.42
CA LEU B 331 -0.90 17.05 -16.75
C LEU B 331 -1.15 17.70 -15.39
N SER B 332 -2.29 17.34 -14.80
CA SER B 332 -2.64 17.74 -13.45
C SER B 332 -3.25 16.55 -12.73
N HIS B 333 -3.49 16.73 -11.42
CA HIS B 333 -3.99 15.62 -10.61
C HIS B 333 -5.37 15.18 -11.06
N GLU B 334 -6.25 16.14 -11.35
CA GLU B 334 -7.63 15.83 -11.70
C GLU B 334 -7.72 14.99 -12.97
N GLU B 335 -6.85 15.26 -13.94
CA GLU B 335 -6.98 14.64 -15.25
C GLU B 335 -6.29 13.29 -15.35
N PHE B 336 -5.36 12.99 -14.44
CA PHE B 336 -4.66 11.70 -14.49
C PHE B 336 -4.96 10.84 -13.28
N LEU B 337 -4.71 11.31 -12.06
CA LEU B 337 -4.84 10.43 -10.91
C LEU B 337 -6.29 10.29 -10.48
N GLY B 338 -7.06 11.38 -10.53
CA GLY B 338 -8.48 11.30 -10.31
C GLY B 338 -9.21 10.38 -11.28
N VAL B 339 -8.55 9.97 -12.36
CA VAL B 339 -9.10 9.01 -13.29
C VAL B 339 -8.54 7.61 -13.08
N LEU B 340 -7.22 7.51 -12.87
CA LEU B 340 -6.60 6.22 -12.66
C LEU B 340 -6.80 5.68 -11.25
N LYS B 341 -7.54 6.39 -10.39
CA LYS B 341 -7.98 5.77 -9.15
C LYS B 341 -8.70 4.45 -9.39
N ASN B 342 -9.20 4.21 -10.60
CA ASN B 342 -9.77 2.91 -10.94
C ASN B 342 -8.68 1.86 -11.05
N ARG B 343 -7.74 2.06 -11.98
CA ARG B 343 -6.67 1.12 -12.28
C ARG B 343 -7.22 -0.26 -12.63
#